data_3BO6
#
_entry.id   3BO6
#
_cell.length_a   42.671
_cell.length_b   119.777
_cell.length_c   44.492
_cell.angle_alpha   90.000
_cell.angle_beta   105.630
_cell.angle_gamma   90.000
#
_symmetry.space_group_name_H-M   'P 1 21 1'
#
loop_
_entity.id
_entity.type
_entity.pdbx_description
1 polymer 'Hydrophilic protein, virA protein'
2 non-polymer 'SULFATE ION'
3 water water
#
_entity_poly.entity_id   1
_entity_poly.type   'polypeptide(L)'
_entity_poly.pdbx_seq_one_letter_code
;GPPQMSATNEDLKTNFHSLHNQMRQMPMSHFREALDAPDYSGMRQSGFFAMSQGFQLESHGGDVFMHAHRENPQCKGDFA
GDKFHISVQREQVPQAFQALSGLLFSVDSPIDKWKVTDMERVDQQSRVAVGAQFTLYVKPDQENSQYSASSLHNTRQFIE
CLESRLSESGLMPGQYPESDVHPENWKYVSYRNELRSGRDGGEMQSQALREEPFYRLMAE
;
_entity_poly.pdbx_strand_id   A,B
#
# COMPACT_ATOMS: atom_id res chain seq x y z
N GLY A 1 -4.73 18.53 7.22
CA GLY A 1 -4.98 19.60 6.27
C GLY A 1 -5.77 19.11 5.06
N PRO A 2 -5.76 19.90 3.98
CA PRO A 2 -6.46 19.55 2.74
C PRO A 2 -5.78 18.37 2.05
N PRO A 3 -6.42 17.81 1.01
CA PRO A 3 -5.79 16.76 0.19
C PRO A 3 -4.49 17.27 -0.43
N GLN A 4 -3.57 16.36 -0.70
CA GLN A 4 -2.29 16.70 -1.33
C GLN A 4 -2.44 17.22 -2.76
N MET A 5 -2.01 18.47 -2.95
CA MET A 5 -2.06 19.15 -4.24
C MET A 5 -0.96 18.61 -5.15
N SER A 6 -1.19 18.66 -6.46
CA SER A 6 -0.14 18.37 -7.44
C SER A 6 -0.18 19.36 -8.60
N ALA A 7 0.98 19.73 -9.14
CA ALA A 7 1.02 20.63 -10.28
C ALA A 7 0.31 20.01 -11.48
N THR A 8 0.44 18.70 -11.64
CA THR A 8 -0.25 17.98 -12.70
C THR A 8 -1.76 18.20 -12.63
N ASN A 9 -2.31 18.04 -11.43
CA ASN A 9 -3.75 18.21 -11.23
C ASN A 9 -4.19 19.69 -11.40
N GLU A 10 -3.39 20.62 -10.88
CA GLU A 10 -3.74 22.03 -11.06
C GLU A 10 -3.81 22.44 -12.54
N ASP A 11 -2.91 21.88 -13.34
CA ASP A 11 -2.93 22.12 -14.78
C ASP A 11 -4.19 21.53 -15.43
N LEU A 12 -4.59 20.34 -15.00
CA LEU A 12 -5.84 19.75 -15.49
C LEU A 12 -7.05 20.64 -15.17
N LYS A 13 -7.07 21.24 -13.98
CA LYS A 13 -8.16 22.13 -13.60
C LYS A 13 -8.18 23.37 -14.47
N THR A 14 -7.02 24.00 -14.63
CA THR A 14 -6.92 25.22 -15.41
C THR A 14 -7.37 24.99 -16.84
N ASN A 15 -7.05 23.82 -17.37
CA ASN A 15 -7.26 23.56 -18.78
C ASN A 15 -8.37 22.54 -19.07
N PHE A 16 -9.18 22.25 -18.06
CA PHE A 16 -10.20 21.21 -18.14
C PHE A 16 -11.10 21.33 -19.38
N HIS A 17 -11.72 22.49 -19.54
CA HIS A 17 -12.61 22.71 -20.69
C HIS A 17 -11.93 22.42 -22.03
N SER A 18 -10.75 23.00 -22.23
CA SER A 18 -10.01 22.80 -23.47
C SER A 18 -9.62 21.34 -23.69
N LEU A 19 -9.16 20.69 -22.63
CA LEU A 19 -8.70 19.31 -22.73
C LEU A 19 -9.81 18.36 -23.16
N HIS A 20 -10.96 18.35 -22.48
CA HIS A 20 -11.96 17.37 -22.88
C HIS A 20 -12.57 17.67 -24.25
N ASN A 21 -12.67 18.94 -24.60
CA ASN A 21 -13.17 19.25 -25.93
C ASN A 21 -12.18 18.92 -27.06
N GLN A 22 -10.88 19.09 -26.81
CA GLN A 22 -9.88 18.61 -27.78
C GLN A 22 -9.97 17.09 -27.92
N MET A 23 -10.06 16.38 -26.80
CA MET A 23 -10.15 14.91 -26.85
C MET A 23 -11.32 14.43 -27.69
N ARG A 24 -12.45 15.11 -27.57
CA ARG A 24 -13.66 14.69 -28.29
CA ARG A 24 -13.64 14.67 -28.29
C ARG A 24 -13.52 14.81 -29.80
N GLN A 25 -12.57 15.62 -30.27
CA GLN A 25 -12.34 15.79 -31.71
C GLN A 25 -11.39 14.76 -32.30
N MET A 26 -10.74 13.96 -31.46
CA MET A 26 -9.71 13.03 -31.94
C MET A 26 -10.31 11.69 -32.35
N PRO A 27 -9.77 11.09 -33.43
CA PRO A 27 -10.30 9.80 -33.88
C PRO A 27 -9.75 8.64 -33.04
N MET A 28 -10.28 7.44 -33.27
CA MET A 28 -9.88 6.27 -32.50
C MET A 28 -8.38 6.11 -32.54
N SER A 29 -7.84 5.63 -31.43
CA SER A 29 -6.42 5.25 -31.36
C SER A 29 -6.19 3.95 -32.14
N HIS A 30 -4.93 3.66 -32.40
CA HIS A 30 -4.53 2.47 -33.16
C HIS A 30 -3.41 1.80 -32.39
N PHE A 31 -3.73 0.71 -31.68
CA PHE A 31 -2.74 0.02 -30.84
C PHE A 31 -2.32 -1.29 -31.51
N ARG A 32 -1.08 -1.33 -32.00
CA ARG A 32 -0.54 -2.57 -32.56
C ARG A 32 -0.17 -3.54 -31.43
N GLU A 33 -0.90 -4.64 -31.32
CA GLU A 33 -0.60 -5.58 -30.24
C GLU A 33 0.73 -6.28 -30.44
N ALA A 34 1.41 -6.52 -29.33
CA ALA A 34 2.62 -7.32 -29.35
C ALA A 34 2.31 -8.79 -29.54
N LEU A 35 2.95 -9.39 -30.53
CA LEU A 35 3.09 -10.84 -30.64
C LEU A 35 4.35 -11.30 -29.89
N ASP A 36 4.36 -12.52 -29.38
CA ASP A 36 5.58 -13.06 -28.76
C ASP A 36 5.82 -12.56 -27.34
N ALA A 37 4.76 -12.09 -26.70
CA ALA A 37 4.84 -11.64 -25.31
C ALA A 37 4.95 -12.86 -24.40
N PRO A 38 5.40 -12.66 -23.15
CA PRO A 38 5.41 -13.80 -22.21
C PRO A 38 3.98 -14.25 -21.94
N ASP A 39 3.80 -15.49 -21.49
CA ASP A 39 2.51 -15.84 -20.89
C ASP A 39 2.59 -15.62 -19.38
N TYR A 40 1.48 -15.87 -18.69
CA TYR A 40 1.40 -15.54 -17.27
C TYR A 40 2.46 -16.32 -16.46
N SER A 41 2.48 -17.64 -16.65
CA SER A 41 3.40 -18.48 -15.90
CA SER A 41 3.40 -18.49 -15.91
C SER A 41 4.86 -18.14 -16.22
N GLY A 42 5.14 -17.78 -17.47
CA GLY A 42 6.48 -17.35 -17.86
C GLY A 42 6.91 -16.06 -17.20
N MET A 43 5.99 -15.10 -17.15
CA MET A 43 6.34 -13.87 -16.48
CA MET A 43 6.19 -13.85 -16.44
C MET A 43 6.71 -14.11 -15.02
N ARG A 44 6.16 -15.13 -14.38
CA ARG A 44 6.57 -15.49 -13.02
CA ARG A 44 6.57 -15.48 -13.02
C ARG A 44 8.05 -15.85 -12.94
N GLN A 45 8.61 -16.33 -14.05
CA GLN A 45 9.99 -16.79 -14.09
C GLN A 45 10.98 -15.69 -14.44
N SER A 46 10.51 -14.45 -14.46
CA SER A 46 11.38 -13.34 -14.80
C SER A 46 12.48 -13.23 -13.78
N GLY A 47 12.18 -13.70 -12.57
CA GLY A 47 13.05 -13.54 -11.43
C GLY A 47 13.66 -12.16 -11.34
N PHE A 48 14.98 -12.17 -11.31
CA PHE A 48 15.81 -10.99 -11.11
C PHE A 48 15.61 -9.99 -12.24
N PHE A 49 15.52 -10.51 -13.46
CA PHE A 49 15.51 -9.66 -14.65
C PHE A 49 15.21 -10.49 -15.89
N ALA A 50 14.24 -10.02 -16.67
CA ALA A 50 13.98 -10.56 -18.01
C ALA A 50 13.45 -9.42 -18.84
N MET A 51 13.34 -9.61 -20.14
CA MET A 51 12.85 -8.57 -21.05
C MET A 51 11.87 -9.12 -22.08
N SER A 52 10.87 -8.32 -22.41
CA SER A 52 10.03 -8.60 -23.57
C SER A 52 9.48 -7.29 -24.13
N GLN A 53 9.60 -7.11 -25.44
CA GLN A 53 9.06 -5.93 -26.13
C GLN A 53 9.52 -4.61 -25.53
N GLY A 54 10.75 -4.59 -25.01
CA GLY A 54 11.28 -3.37 -24.42
C GLY A 54 10.84 -3.09 -23.00
N PHE A 55 10.07 -4.01 -22.42
CA PHE A 55 9.68 -3.92 -21.01
C PHE A 55 10.61 -4.80 -20.17
N GLN A 56 11.19 -4.22 -19.12
CA GLN A 56 11.93 -4.99 -18.12
C GLN A 56 10.93 -5.72 -17.23
N LEU A 57 11.17 -7.02 -17.00
CA LEU A 57 10.28 -7.84 -16.20
C LEU A 57 10.95 -8.28 -14.91
N GLU A 58 10.19 -8.32 -13.82
CA GLU A 58 10.74 -8.72 -12.52
C GLU A 58 9.73 -9.54 -11.75
N SER A 59 10.18 -10.64 -11.17
CA SER A 59 9.33 -11.41 -10.27
C SER A 59 10.18 -12.28 -9.33
N HIS A 60 10.47 -11.77 -8.14
CA HIS A 60 11.26 -12.51 -7.16
C HIS A 60 10.71 -12.36 -5.74
N GLY A 61 11.15 -13.25 -4.85
CA GLY A 61 10.52 -13.52 -3.56
C GLY A 61 10.09 -12.43 -2.58
N GLY A 62 10.32 -11.16 -2.90
CA GLY A 62 9.98 -10.07 -1.98
C GLY A 62 8.51 -9.69 -1.81
N ASP A 63 7.78 -9.56 -2.91
CA ASP A 63 6.36 -9.21 -2.82
C ASP A 63 5.58 -10.19 -3.68
N VAL A 64 4.29 -9.95 -3.82
CA VAL A 64 3.40 -10.89 -4.48
C VAL A 64 2.96 -10.42 -5.87
N PHE A 65 3.76 -9.60 -6.52
CA PHE A 65 3.43 -9.14 -7.88
C PHE A 65 4.55 -9.46 -8.84
N MET A 66 4.19 -9.47 -10.12
CA MET A 66 5.17 -9.49 -11.20
C MET A 66 5.08 -8.16 -11.91
N HIS A 67 6.23 -7.57 -12.23
CA HIS A 67 6.28 -6.17 -12.66
C HIS A 67 6.81 -6.05 -14.09
N ALA A 68 6.30 -5.06 -14.81
CA ALA A 68 6.80 -4.72 -16.13
C ALA A 68 6.97 -3.22 -16.20
N HIS A 69 8.09 -2.75 -16.72
CA HIS A 69 8.27 -1.32 -16.96
C HIS A 69 9.19 -1.09 -18.14
N ARG A 70 8.87 -0.12 -18.97
CA ARG A 70 9.70 0.18 -20.13
C ARG A 70 11.10 0.61 -19.72
N GLU A 71 12.10 0.03 -20.38
CA GLU A 71 13.47 0.45 -20.20
C GLU A 71 13.59 1.91 -20.62
N ASN A 72 12.89 2.27 -21.69
CA ASN A 72 12.85 3.66 -22.17
C ASN A 72 11.40 4.17 -22.13
N PRO A 73 11.05 4.92 -21.07
CA PRO A 73 9.66 5.31 -20.93
C PRO A 73 9.19 6.26 -22.04
N GLN A 74 7.95 6.11 -22.47
CA GLN A 74 7.34 7.03 -23.40
CA GLN A 74 7.35 7.04 -23.41
C GLN A 74 6.79 8.29 -22.73
N CYS A 75 6.42 8.18 -21.46
CA CYS A 75 5.91 9.33 -20.71
C CYS A 75 7.03 9.93 -19.89
N LYS A 76 7.29 11.22 -20.08
CA LYS A 76 8.48 11.85 -19.49
C LYS A 76 8.19 12.59 -18.19
N GLY A 77 6.92 12.61 -17.79
CA GLY A 77 6.53 13.31 -16.58
C GLY A 77 6.64 12.46 -15.33
N ASP A 78 6.60 13.12 -14.18
CA ASP A 78 6.63 12.42 -12.89
C ASP A 78 5.25 11.86 -12.57
N PHE A 79 5.22 10.64 -12.02
CA PHE A 79 3.97 10.04 -11.54
C PHE A 79 3.22 11.01 -10.66
N ALA A 80 1.92 11.15 -10.92
CA ALA A 80 1.08 12.11 -10.23
C ALA A 80 -0.08 11.40 -9.52
N GLY A 81 0.09 10.10 -9.27
CA GLY A 81 -0.86 9.35 -8.47
C GLY A 81 -1.96 8.61 -9.22
N ASP A 82 -2.13 8.88 -10.52
CA ASP A 82 -3.24 8.27 -11.23
C ASP A 82 -2.97 6.79 -11.55
N LYS A 83 -3.88 5.92 -11.16
CA LYS A 83 -3.69 4.51 -11.43
C LYS A 83 -5.02 3.82 -11.71
N PHE A 84 -4.94 2.77 -12.51
CA PHE A 84 -6.09 1.90 -12.75
C PHE A 84 -5.84 0.52 -12.19
N HIS A 85 -6.93 -0.14 -11.82
CA HIS A 85 -6.89 -1.56 -11.55
C HIS A 85 -7.77 -2.24 -12.58
N ILE A 86 -7.49 -3.51 -12.82
CA ILE A 86 -8.34 -4.37 -13.65
C ILE A 86 -8.77 -5.57 -12.80
N SER A 87 -10.07 -5.82 -12.73
CA SER A 87 -10.61 -6.90 -11.91
C SER A 87 -11.26 -7.98 -12.76
N VAL A 88 -10.71 -9.19 -12.69
CA VAL A 88 -11.34 -10.35 -13.30
C VAL A 88 -11.65 -11.40 -12.23
N GLN A 89 -12.40 -12.43 -12.60
CA GLN A 89 -12.67 -13.50 -11.67
C GLN A 89 -11.34 -14.12 -11.21
N ARG A 90 -11.23 -14.38 -9.90
CA ARG A 90 -9.98 -14.83 -9.28
C ARG A 90 -9.28 -15.99 -10.01
N GLU A 91 -10.04 -16.96 -10.48
CA GLU A 91 -9.47 -18.14 -11.13
C GLU A 91 -9.08 -17.92 -12.61
N GLN A 92 -9.39 -16.73 -13.13
CA GLN A 92 -9.17 -16.43 -14.55
C GLN A 92 -7.99 -15.48 -14.84
N VAL A 93 -7.16 -15.22 -13.84
CA VAL A 93 -6.04 -14.31 -14.06
C VAL A 93 -5.09 -14.72 -15.20
N PRO A 94 -4.67 -16.00 -15.27
CA PRO A 94 -3.80 -16.35 -16.39
C PRO A 94 -4.45 -16.13 -17.75
N GLN A 95 -5.74 -16.44 -17.88
CA GLN A 95 -6.46 -16.20 -19.13
C GLN A 95 -6.60 -14.70 -19.42
N ALA A 96 -6.82 -13.88 -18.39
CA ALA A 96 -6.90 -12.44 -18.55
C ALA A 96 -5.55 -11.89 -19.01
N PHE A 97 -4.48 -12.39 -18.41
CA PHE A 97 -3.14 -11.98 -18.83
C PHE A 97 -2.93 -12.29 -20.32
N GLN A 98 -3.31 -13.49 -20.76
CA GLN A 98 -3.17 -13.86 -22.17
CA GLN A 98 -3.12 -13.82 -22.16
C GLN A 98 -3.98 -12.94 -23.07
N ALA A 99 -5.18 -12.57 -22.62
CA ALA A 99 -6.04 -11.69 -23.41
C ALA A 99 -5.50 -10.26 -23.52
N LEU A 100 -4.79 -9.81 -22.48
CA LEU A 100 -4.31 -8.43 -22.39
C LEU A 100 -2.86 -8.22 -22.78
N SER A 101 -2.09 -9.30 -22.93
CA SER A 101 -0.65 -9.12 -23.13
C SER A 101 -0.33 -8.38 -24.43
N GLY A 102 -1.15 -8.59 -25.48
CA GLY A 102 -0.97 -7.85 -26.72
C GLY A 102 -0.95 -6.34 -26.49
N LEU A 103 -1.90 -5.87 -25.68
CA LEU A 103 -2.03 -4.46 -25.35
C LEU A 103 -0.98 -4.01 -24.33
N LEU A 104 -0.77 -4.80 -23.29
CA LEU A 104 0.11 -4.35 -22.20
C LEU A 104 1.58 -4.27 -22.63
N PHE A 105 1.96 -5.06 -23.63
CA PHE A 105 3.32 -5.02 -24.18
C PHE A 105 3.40 -4.25 -25.49
N SER A 106 2.31 -3.60 -25.88
CA SER A 106 2.27 -2.92 -27.18
C SER A 106 3.25 -1.75 -27.28
N VAL A 107 3.90 -1.60 -28.43
CA VAL A 107 4.75 -0.45 -28.72
CA VAL A 107 4.75 -0.44 -28.70
C VAL A 107 3.93 0.85 -28.63
N ASP A 108 2.61 0.73 -28.78
CA ASP A 108 1.71 1.88 -28.79
C ASP A 108 1.02 2.12 -27.45
N SER A 109 1.29 1.28 -26.45
CA SER A 109 0.62 1.45 -25.18
C SER A 109 1.07 2.75 -24.51
N PRO A 110 0.13 3.49 -23.91
CA PRO A 110 0.49 4.70 -23.16
C PRO A 110 0.92 4.41 -21.73
N ILE A 111 0.95 3.13 -21.31
CA ILE A 111 1.28 2.75 -19.95
C ILE A 111 2.72 2.23 -19.89
N ASP A 112 3.60 3.00 -19.25
CA ASP A 112 5.01 2.62 -19.11
C ASP A 112 5.28 1.55 -18.06
N LYS A 113 4.38 1.40 -17.09
CA LYS A 113 4.63 0.56 -15.93
C LYS A 113 3.35 -0.05 -15.42
N TRP A 114 3.38 -1.36 -15.14
CA TRP A 114 2.21 -2.07 -14.61
C TRP A 114 2.68 -3.32 -13.84
N LYS A 115 1.79 -3.91 -13.06
CA LYS A 115 2.07 -5.19 -12.33
C LYS A 115 0.77 -5.98 -12.32
N VAL A 116 0.98 -7.29 -12.16
N VAL A 116 0.94 -7.27 -12.05
CA VAL A 116 -0.06 -8.29 -12.03
CA VAL A 116 -0.10 -8.27 -12.00
C VAL A 116 0.21 -9.14 -10.79
C VAL A 116 0.20 -9.11 -10.78
N THR A 117 -0.84 -9.52 -10.07
CA THR A 117 -0.62 -10.24 -8.85
C THR A 117 -0.16 -11.64 -9.21
N ASP A 118 0.75 -12.17 -8.41
CA ASP A 118 1.15 -13.57 -8.50
C ASP A 118 0.16 -14.40 -7.71
N MET A 119 -0.69 -15.14 -8.41
CA MET A 119 -1.81 -15.83 -7.78
C MET A 119 -1.36 -17.04 -6.96
N GLU A 120 -0.12 -17.48 -7.14
CA GLU A 120 0.41 -18.56 -6.33
C GLU A 120 0.91 -18.09 -4.95
N ARG A 121 1.15 -16.79 -4.81
CA ARG A 121 1.72 -16.26 -3.57
C ARG A 121 0.71 -15.41 -2.79
N VAL A 122 -0.19 -14.74 -3.50
CA VAL A 122 -1.10 -13.82 -2.84
C VAL A 122 -2.04 -14.52 -1.84
N ASP A 123 -2.43 -13.77 -0.80
CA ASP A 123 -3.54 -14.14 0.08
C ASP A 123 -4.79 -14.23 -0.81
N GLN A 124 -5.44 -15.38 -0.87
CA GLN A 124 -6.52 -15.58 -1.83
C GLN A 124 -7.75 -14.72 -1.58
N GLN A 125 -7.84 -14.12 -0.38
CA GLN A 125 -8.97 -13.25 -0.05
C GLN A 125 -8.60 -11.77 -0.14
N SER A 126 -7.36 -11.49 -0.53
CA SER A 126 -6.88 -10.12 -0.67
C SER A 126 -7.69 -9.31 -1.69
N ARG A 127 -7.74 -8.00 -1.46
CA ARG A 127 -8.34 -7.09 -2.43
C ARG A 127 -7.65 -7.12 -3.82
N VAL A 128 -6.42 -7.62 -3.88
CA VAL A 128 -5.73 -7.75 -5.18
C VAL A 128 -5.70 -9.20 -5.68
N ALA A 129 -6.50 -10.06 -5.03
CA ALA A 129 -6.70 -11.43 -5.48
C ALA A 129 -8.11 -11.66 -6.01
N VAL A 130 -9.12 -11.13 -5.32
CA VAL A 130 -10.51 -11.31 -5.76
C VAL A 130 -10.89 -10.31 -6.86
N GLY A 131 -10.04 -9.31 -7.03
CA GLY A 131 -10.13 -8.35 -8.12
C GLY A 131 -8.81 -7.60 -8.14
N ALA A 132 -8.78 -6.49 -8.86
CA ALA A 132 -7.61 -5.63 -8.93
C ALA A 132 -6.30 -6.42 -9.09
N GLN A 133 -6.34 -7.43 -9.94
CA GLN A 133 -5.15 -8.27 -10.15
C GLN A 133 -4.15 -7.64 -11.11
N PHE A 134 -4.57 -6.59 -11.82
CA PHE A 134 -3.64 -5.79 -12.61
C PHE A 134 -3.67 -4.36 -12.09
N THR A 135 -2.50 -3.75 -11.97
CA THR A 135 -2.39 -2.34 -11.61
C THR A 135 -1.61 -1.63 -12.70
N LEU A 136 -2.20 -0.57 -13.25
CA LEU A 136 -1.58 0.23 -14.32
CA LEU A 136 -1.55 0.21 -14.31
C LEU A 136 -1.26 1.61 -13.79
N TYR A 137 0.00 2.03 -13.94
CA TYR A 137 0.43 3.35 -13.47
C TYR A 137 0.46 4.35 -14.60
N VAL A 138 -0.34 5.40 -14.48
CA VAL A 138 -0.44 6.42 -15.50
C VAL A 138 0.54 7.53 -15.13
N LYS A 139 1.25 8.05 -16.12
CA LYS A 139 2.15 9.19 -15.89
C LYS A 139 1.84 10.27 -16.92
N PRO A 140 1.89 11.56 -16.52
CA PRO A 140 1.80 12.60 -17.54
C PRO A 140 2.93 12.42 -18.55
N ASP A 141 2.65 12.72 -19.81
CA ASP A 141 3.60 12.48 -20.89
C ASP A 141 4.69 13.53 -21.05
N GLN A 142 4.38 14.78 -20.71
CA GLN A 142 5.33 15.88 -20.93
C GLN A 142 6.35 16.00 -19.80
N GLU A 143 7.53 16.51 -20.14
CA GLU A 143 8.61 16.62 -19.17
C GLU A 143 8.23 17.51 -17.99
N ASN A 144 7.32 18.44 -18.22
CA ASN A 144 6.81 19.32 -17.15
C ASN A 144 5.70 18.69 -16.30
N SER A 145 5.48 17.39 -16.50
CA SER A 145 4.53 16.61 -15.73
C SER A 145 3.08 17.06 -15.98
N GLN A 146 2.85 17.64 -17.15
CA GLN A 146 1.48 17.96 -17.54
C GLN A 146 0.99 16.91 -18.53
N TYR A 147 -0.29 16.56 -18.43
CA TYR A 147 -0.91 15.68 -19.42
C TYR A 147 -1.27 16.46 -20.68
N SER A 148 -0.90 15.95 -21.85
CA SER A 148 -1.40 16.52 -23.10
C SER A 148 -2.76 15.93 -23.46
N ALA A 149 -3.54 16.66 -24.26
CA ALA A 149 -4.83 16.12 -24.73
C ALA A 149 -4.65 14.80 -25.49
N SER A 150 -3.61 14.73 -26.33
CA SER A 150 -3.34 13.51 -27.09
CA SER A 150 -3.38 13.50 -27.09
C SER A 150 -3.10 12.31 -26.16
N SER A 151 -2.29 12.52 -25.13
CA SER A 151 -1.97 11.42 -24.21
C SER A 151 -3.21 10.99 -23.39
N LEU A 152 -3.98 11.97 -22.91
CA LEU A 152 -5.24 11.67 -22.24
C LEU A 152 -6.16 10.84 -23.15
N HIS A 153 -6.31 11.27 -24.41
CA HIS A 153 -7.16 10.53 -25.35
C HIS A 153 -6.65 9.09 -25.55
N ASN A 154 -5.35 8.94 -25.72
CA ASN A 154 -4.78 7.61 -25.95
C ASN A 154 -5.00 6.73 -24.74
N THR A 155 -4.94 7.31 -23.55
CA THR A 155 -5.10 6.55 -22.32
C THR A 155 -6.54 6.10 -22.18
N ARG A 156 -7.47 7.02 -22.42
CA ARG A 156 -8.88 6.66 -22.38
C ARG A 156 -9.20 5.57 -23.42
N GLN A 157 -8.69 5.74 -24.64
CA GLN A 157 -8.86 4.75 -25.69
C GLN A 157 -8.26 3.39 -25.27
N PHE A 158 -7.13 3.42 -24.60
CA PHE A 158 -6.45 2.19 -24.17
C PHE A 158 -7.34 1.43 -23.17
N ILE A 159 -7.92 2.17 -22.23
CA ILE A 159 -8.79 1.54 -21.23
C ILE A 159 -10.00 0.92 -21.93
N GLU A 160 -10.56 1.63 -22.89
CA GLU A 160 -11.70 1.07 -23.63
C GLU A 160 -11.28 -0.17 -24.44
N CYS A 161 -10.05 -0.22 -24.92
CA CYS A 161 -9.56 -1.41 -25.61
CA CYS A 161 -9.56 -1.41 -25.64
C CYS A 161 -9.31 -2.59 -24.68
N LEU A 162 -8.84 -2.31 -23.46
CA LEU A 162 -8.66 -3.36 -22.46
C LEU A 162 -10.03 -3.97 -22.15
N GLU A 163 -11.03 -3.11 -21.99
CA GLU A 163 -12.39 -3.55 -21.72
C GLU A 163 -12.90 -4.41 -22.87
N SER A 164 -12.71 -3.94 -24.10
CA SER A 164 -13.20 -4.69 -25.25
CA SER A 164 -13.16 -4.67 -25.28
C SER A 164 -12.51 -6.06 -25.38
N ARG A 165 -11.19 -6.11 -25.19
CA ARG A 165 -10.47 -7.37 -25.29
C ARG A 165 -10.90 -8.35 -24.19
N LEU A 166 -11.15 -7.85 -22.98
CA LEU A 166 -11.56 -8.74 -21.90
C LEU A 166 -12.92 -9.34 -22.19
N SER A 167 -13.84 -8.50 -22.64
CA SER A 167 -15.19 -8.95 -22.95
CA SER A 167 -15.20 -8.95 -22.94
C SER A 167 -15.18 -9.98 -24.07
N GLU A 168 -14.51 -9.66 -25.15
CA GLU A 168 -14.57 -10.57 -26.30
C GLU A 168 -13.71 -11.81 -26.13
N SER A 169 -12.86 -11.82 -25.10
CA SER A 169 -12.03 -12.98 -24.78
C SER A 169 -12.70 -13.87 -23.73
N GLY A 170 -13.91 -13.50 -23.33
CA GLY A 170 -14.67 -14.34 -22.42
C GLY A 170 -14.30 -14.27 -20.94
N LEU A 171 -13.71 -13.17 -20.50
CA LEU A 171 -13.35 -13.04 -19.09
C LEU A 171 -14.54 -12.56 -18.29
N MET A 172 -14.74 -13.11 -17.10
CA MET A 172 -15.75 -12.62 -16.16
CA MET A 172 -15.75 -12.62 -16.16
C MET A 172 -15.13 -11.53 -15.29
N PRO A 173 -15.91 -10.47 -14.99
CA PRO A 173 -15.42 -9.46 -14.06
C PRO A 173 -15.19 -10.03 -12.67
N GLY A 174 -14.25 -9.44 -11.93
CA GLY A 174 -14.00 -9.81 -10.55
C GLY A 174 -14.68 -8.85 -9.60
N GLN A 175 -14.22 -8.87 -8.35
CA GLN A 175 -14.74 -7.94 -7.35
C GLN A 175 -13.92 -6.66 -7.37
N TYR A 176 -14.52 -5.54 -7.76
CA TYR A 176 -13.79 -4.27 -7.78
C TYR A 176 -13.38 -3.91 -6.35
N PRO A 177 -12.21 -3.29 -6.19
CA PRO A 177 -11.79 -2.87 -4.83
C PRO A 177 -12.65 -1.73 -4.33
N GLU A 178 -13.06 -1.79 -3.07
CA GLU A 178 -13.85 -0.74 -2.45
C GLU A 178 -13.15 0.61 -2.53
N SER A 179 -11.83 0.62 -2.62
CA SER A 179 -11.09 1.88 -2.68
C SER A 179 -11.41 2.74 -3.91
N ASP A 180 -11.79 2.09 -5.02
CA ASP A 180 -11.78 2.73 -6.32
C ASP A 180 -13.17 3.20 -6.76
N VAL A 181 -13.20 3.94 -7.86
CA VAL A 181 -14.48 4.29 -8.51
C VAL A 181 -14.42 3.87 -9.97
N HIS A 182 -15.59 3.71 -10.57
CA HIS A 182 -15.68 3.37 -11.98
C HIS A 182 -17.06 3.78 -12.46
N PRO A 183 -17.19 4.09 -13.75
CA PRO A 183 -18.51 4.40 -14.33
C PRO A 183 -19.22 3.11 -14.73
N GLU A 184 -20.51 3.19 -14.97
CA GLU A 184 -21.30 2.01 -15.35
C GLU A 184 -20.73 1.26 -16.55
N ASN A 185 -20.09 1.97 -17.47
CA ASN A 185 -19.61 1.36 -18.70
CA ASN A 185 -19.58 1.39 -18.71
C ASN A 185 -18.23 0.68 -18.60
N TRP A 186 -17.58 0.76 -17.44
CA TRP A 186 -16.37 -0.04 -17.23
C TRP A 186 -16.75 -1.28 -16.41
N LYS A 187 -16.62 -2.45 -17.01
CA LYS A 187 -16.99 -3.69 -16.34
C LYS A 187 -15.80 -4.31 -15.60
N TYR A 188 -14.58 -3.92 -15.96
CA TYR A 188 -13.37 -4.53 -15.38
C TYR A 188 -12.44 -3.50 -14.75
N VAL A 189 -12.36 -2.31 -15.33
CA VAL A 189 -11.42 -1.29 -14.92
C VAL A 189 -11.99 -0.39 -13.83
N SER A 190 -11.13 0.01 -12.89
CA SER A 190 -11.48 1.03 -11.90
C SER A 190 -10.29 1.93 -11.63
N TYR A 191 -10.54 3.03 -10.93
CA TYR A 191 -9.55 4.09 -10.76
C TYR A 191 -9.40 4.59 -9.32
N ARG A 192 -8.19 4.97 -8.95
CA ARG A 192 -8.02 5.88 -7.82
C ARG A 192 -6.78 6.74 -8.02
N ASN A 193 -6.70 7.81 -7.24
CA ASN A 193 -5.50 8.62 -7.20
C ASN A 193 -4.75 8.48 -5.88
N GLU A 194 -3.48 8.10 -5.95
CA GLU A 194 -2.68 7.81 -4.76
C GLU A 194 -2.48 8.98 -3.83
N LEU A 195 -2.42 10.20 -4.37
CA LEU A 195 -2.11 11.36 -3.56
C LEU A 195 -3.30 11.78 -2.72
N ARG A 196 -4.51 11.52 -3.23
CA ARG A 196 -5.72 12.06 -2.62
C ARG A 196 -6.78 11.01 -2.27
N SER A 197 -6.36 9.75 -2.15
CA SER A 197 -7.22 8.69 -1.64
C SER A 197 -6.33 7.63 -1.04
N GLY A 198 -6.89 6.69 -0.30
CA GLY A 198 -6.09 5.59 0.21
C GLY A 198 -6.52 4.24 -0.32
N ARG A 199 -5.58 3.28 -0.40
CA ARG A 199 -5.96 1.93 -0.80
C ARG A 199 -6.91 1.27 0.20
N ASP A 200 -6.93 1.77 1.44
CA ASP A 200 -7.83 1.21 2.45
C ASP A 200 -9.08 2.05 2.66
N GLY A 201 -9.27 3.03 1.75
CA GLY A 201 -10.49 3.83 1.76
C GLY A 201 -11.64 3.08 1.13
N GLY A 202 -12.81 3.72 1.15
CA GLY A 202 -14.03 3.10 0.64
C GLY A 202 -15.03 4.14 0.16
N GLU A 203 -16.30 3.96 0.51
CA GLU A 203 -17.34 4.86 0.04
C GLU A 203 -17.13 6.31 0.48
N MET A 204 -16.45 6.53 1.60
CA MET A 204 -16.22 7.88 2.10
CA MET A 204 -16.25 7.88 2.09
C MET A 204 -15.32 8.71 1.20
N GLN A 205 -14.55 8.05 0.32
CA GLN A 205 -13.70 8.78 -0.62
C GLN A 205 -14.21 8.71 -2.07
N SER A 206 -15.37 8.10 -2.29
CA SER A 206 -15.87 7.92 -3.65
CA SER A 206 -15.90 7.91 -3.65
CA SER A 206 -15.90 7.92 -3.64
C SER A 206 -16.19 9.24 -4.36
N GLN A 207 -16.84 10.16 -3.67
CA GLN A 207 -17.20 11.42 -4.32
CA GLN A 207 -17.20 11.44 -4.29
C GLN A 207 -15.95 12.22 -4.69
N ALA A 208 -14.98 12.25 -3.78
CA ALA A 208 -13.73 12.94 -4.07
C ALA A 208 -13.06 12.34 -5.31
N LEU A 209 -13.04 11.01 -5.40
CA LEU A 209 -12.41 10.40 -6.56
C LEU A 209 -13.18 10.66 -7.84
N ARG A 210 -14.51 10.64 -7.78
CA ARG A 210 -15.32 10.94 -8.98
C ARG A 210 -15.11 12.38 -9.46
N GLU A 211 -14.67 13.24 -8.55
CA GLU A 211 -14.35 14.63 -8.88
C GLU A 211 -12.92 14.87 -9.36
N GLU A 212 -12.06 13.86 -9.32
CA GLU A 212 -10.70 14.03 -9.83
C GLU A 212 -10.74 14.41 -11.30
N PRO A 213 -10.08 15.51 -11.66
CA PRO A 213 -10.11 15.93 -13.08
C PRO A 213 -9.64 14.79 -14.01
N PHE A 214 -8.59 14.07 -13.65
CA PHE A 214 -8.13 12.98 -14.51
C PHE A 214 -9.22 11.95 -14.72
N TYR A 215 -9.90 11.56 -13.64
CA TYR A 215 -10.98 10.58 -13.75
C TYR A 215 -12.10 11.09 -14.64
N ARG A 216 -12.48 12.35 -14.48
CA ARG A 216 -13.54 12.93 -15.29
C ARG A 216 -13.17 12.91 -16.78
N LEU A 217 -11.89 13.16 -17.06
CA LEU A 217 -11.41 13.11 -18.45
C LEU A 217 -11.45 11.68 -19.01
N MET A 218 -11.32 10.69 -18.14
CA MET A 218 -11.36 9.28 -18.56
C MET A 218 -12.78 8.77 -18.70
N ALA A 219 -13.69 9.30 -17.88
CA ALA A 219 -14.99 8.66 -17.69
C ALA A 219 -16.22 9.46 -18.12
N GLU A 220 -16.12 10.78 -18.14
CA GLU A 220 -17.26 11.67 -18.42
C GLU A 220 -17.43 11.99 -19.89
N SER B 6 19.28 -6.59 3.27
CA SER B 6 19.85 -5.36 3.79
C SER B 6 21.05 -5.63 4.67
N ALA B 7 21.94 -4.65 4.75
CA ALA B 7 23.09 -4.72 5.65
C ALA B 7 22.60 -4.81 7.09
N THR B 8 21.44 -4.22 7.37
CA THR B 8 20.86 -4.25 8.71
C THR B 8 20.57 -5.69 9.10
N ASN B 9 19.89 -6.41 8.23
CA ASN B 9 19.56 -7.80 8.48
C ASN B 9 20.79 -8.70 8.55
N GLU B 10 21.76 -8.46 7.67
CA GLU B 10 22.98 -9.25 7.68
C GLU B 10 23.72 -9.10 9.02
N ASP B 11 23.73 -7.89 9.55
CA ASP B 11 24.30 -7.64 10.87
C ASP B 11 23.58 -8.43 11.99
N LEU B 12 22.25 -8.48 11.91
CA LEU B 12 21.47 -9.30 12.86
C LEU B 12 21.80 -10.79 12.75
N LYS B 13 21.95 -11.31 11.53
CA LYS B 13 22.34 -12.72 11.38
C LYS B 13 23.71 -12.98 12.00
N THR B 14 24.70 -12.16 11.65
CA THR B 14 26.05 -12.35 12.15
C THR B 14 26.07 -12.38 13.66
N ASN B 15 25.31 -11.48 14.27
CA ASN B 15 25.38 -11.29 15.72
C ASN B 15 24.21 -11.91 16.48
N PHE B 16 23.42 -12.73 15.80
CA PHE B 16 22.17 -13.30 16.38
C PHE B 16 22.37 -13.95 17.75
N HIS B 17 23.32 -14.90 17.81
CA HIS B 17 23.57 -15.61 19.07
C HIS B 17 23.90 -14.64 20.20
N SER B 18 24.85 -13.76 19.94
CA SER B 18 25.25 -12.79 20.96
C SER B 18 24.08 -11.88 21.37
N LEU B 19 23.32 -11.40 20.40
CA LEU B 19 22.24 -10.44 20.69
C LEU B 19 21.16 -11.02 21.60
N HIS B 20 20.62 -12.18 21.30
CA HIS B 20 19.51 -12.66 22.13
C HIS B 20 20.00 -13.02 23.53
N ASN B 21 21.23 -13.50 23.64
CA ASN B 21 21.77 -13.80 24.95
C ASN B 21 22.07 -12.55 25.76
N GLN B 22 22.53 -11.49 25.10
CA GLN B 22 22.72 -10.22 25.79
C GLN B 22 21.38 -9.63 26.27
N MET B 23 20.37 -9.62 25.39
CA MET B 23 19.08 -9.04 25.75
C MET B 23 18.48 -9.76 26.94
N ARG B 24 18.69 -11.06 27.04
CA ARG B 24 18.10 -11.85 28.12
C ARG B 24 18.61 -11.40 29.49
N GLN B 25 19.79 -10.78 29.53
CA GLN B 25 20.41 -10.38 30.78
C GLN B 25 20.15 -8.93 31.15
N MET B 26 19.59 -8.16 30.22
CA MET B 26 19.39 -6.72 30.43
C MET B 26 18.27 -6.40 31.41
N PRO B 27 18.46 -5.34 32.19
CA PRO B 27 17.43 -4.93 33.15
C PRO B 27 16.16 -4.41 32.45
N MET B 28 15.05 -4.40 33.18
CA MET B 28 13.79 -3.92 32.60
C MET B 28 13.94 -2.53 32.04
N SER B 29 13.19 -2.25 30.97
CA SER B 29 13.10 -0.90 30.45
C SER B 29 12.29 -0.03 31.40
N HIS B 30 12.39 1.28 31.22
CA HIS B 30 11.73 2.24 32.08
C HIS B 30 10.97 3.22 31.18
N PHE B 31 9.68 2.99 31.03
CA PHE B 31 8.85 3.83 30.17
C PHE B 31 7.93 4.73 30.99
N ARG B 32 8.21 6.03 30.99
CA ARG B 32 7.34 6.99 31.66
C ARG B 32 6.12 7.27 30.81
N GLU B 33 4.95 6.88 31.28
CA GLU B 33 3.74 7.10 30.47
C GLU B 33 3.38 8.57 30.35
N ALA B 34 2.89 8.94 29.17
CA ALA B 34 2.43 10.30 28.95
C ALA B 34 1.16 10.49 29.75
N LEU B 35 1.15 11.49 30.62
CA LEU B 35 -0.02 11.77 31.45
C LEU B 35 -1.10 12.62 30.77
N ASP B 36 -0.71 13.42 29.77
CA ASP B 36 -1.67 14.31 29.12
C ASP B 36 -1.75 14.09 27.60
N ALA B 37 -2.01 12.85 27.20
CA ALA B 37 -1.97 12.48 25.78
C ALA B 37 -3.30 12.75 25.09
N PRO B 38 -3.29 12.90 23.76
CA PRO B 38 -4.55 13.08 23.04
C PRO B 38 -5.47 11.89 23.22
N ASP B 39 -6.77 12.10 23.00
CA ASP B 39 -7.69 10.99 22.83
C ASP B 39 -7.82 10.66 21.35
N TYR B 40 -8.53 9.57 21.06
CA TYR B 40 -8.67 9.14 19.68
C TYR B 40 -9.26 10.22 18.75
N SER B 41 -10.39 10.82 19.15
CA SER B 41 -11.06 11.79 18.31
CA SER B 41 -11.04 11.77 18.28
C SER B 41 -10.17 13.01 18.09
N GLY B 42 -9.32 13.30 19.06
CA GLY B 42 -8.41 14.43 18.98
C GLY B 42 -7.33 14.32 17.91
N MET B 43 -7.15 13.12 17.36
CA MET B 43 -6.16 12.88 16.32
C MET B 43 -6.60 13.24 14.88
N ARG B 44 -7.90 13.40 14.66
CA ARG B 44 -8.48 13.43 13.31
C ARG B 44 -8.30 14.72 12.53
N GLN B 45 -8.43 15.84 13.24
CA GLN B 45 -8.34 17.17 12.67
C GLN B 45 -7.85 17.70 13.99
N SER B 46 -6.90 18.63 13.88
N SER B 46 -6.91 18.62 13.88
CA SER B 46 -6.27 19.38 14.97
CA SER B 46 -6.32 19.41 14.95
C SER B 46 -5.46 20.38 14.15
C SER B 46 -5.63 20.46 14.10
N GLY B 47 -5.19 21.57 14.67
CA GLY B 47 -4.63 22.56 13.78
C GLY B 47 -3.16 22.27 13.55
N PHE B 48 -2.55 23.08 12.69
CA PHE B 48 -1.12 22.98 12.43
C PHE B 48 -0.33 23.12 13.73
N PHE B 49 0.75 22.37 13.84
CA PHE B 49 1.67 22.40 14.98
C PHE B 49 1.14 21.71 16.23
N ALA B 50 -0.03 21.09 16.16
CA ALA B 50 -0.52 20.35 17.32
C ALA B 50 0.48 19.24 17.65
N MET B 51 0.87 19.16 18.92
CA MET B 51 1.87 18.18 19.37
C MET B 51 1.53 17.65 20.75
N SER B 52 2.02 16.46 21.06
CA SER B 52 1.92 15.94 22.42
C SER B 52 3.13 15.08 22.73
N GLN B 53 3.82 15.43 23.81
CA GLN B 53 5.01 14.70 24.25
CA GLN B 53 4.99 14.69 24.25
C GLN B 53 6.04 14.55 23.14
N GLY B 54 6.18 15.59 22.33
CA GLY B 54 7.18 15.61 21.28
C GLY B 54 6.78 14.93 19.98
N PHE B 55 5.56 14.42 19.93
CA PHE B 55 5.01 13.82 18.70
C PHE B 55 4.11 14.80 17.98
N GLN B 56 4.39 15.02 16.71
CA GLN B 56 3.49 15.81 15.87
C GLN B 56 2.25 14.98 15.53
N LEU B 57 1.07 15.61 15.59
CA LEU B 57 -0.19 14.97 15.21
C LEU B 57 -0.56 15.41 13.81
N GLU B 58 -0.72 14.46 12.89
CA GLU B 58 -0.93 14.80 11.49
C GLU B 58 -2.00 13.92 10.84
N SER B 59 -3.00 14.56 10.26
CA SER B 59 -4.08 13.86 9.58
C SER B 59 -4.63 14.73 8.45
N HIS B 60 -4.59 14.21 7.24
CA HIS B 60 -5.01 14.96 6.06
C HIS B 60 -6.13 14.24 5.32
N GLY B 61 -6.93 15.01 4.57
CA GLY B 61 -7.91 14.43 3.68
C GLY B 61 -7.22 13.55 2.67
N GLY B 62 -7.95 12.58 2.14
CA GLY B 62 -7.40 11.69 1.13
C GLY B 62 -6.44 10.65 1.69
N ASP B 63 -6.52 10.44 3.01
CA ASP B 63 -5.70 9.42 3.67
C ASP B 63 -6.48 8.91 4.86
N VAL B 64 -6.50 7.60 5.06
CA VAL B 64 -7.39 7.07 6.09
C VAL B 64 -6.74 6.82 7.45
N PHE B 65 -5.53 7.34 7.64
CA PHE B 65 -4.84 7.17 8.93
C PHE B 65 -4.57 8.50 9.61
N MET B 66 -4.33 8.43 10.90
CA MET B 66 -3.98 9.60 11.69
C MET B 66 -2.60 9.29 12.26
N HIS B 67 -1.66 10.20 12.04
CA HIS B 67 -0.24 9.94 12.25
C HIS B 67 0.31 10.65 13.48
N ALA B 68 1.30 10.01 14.10
CA ALA B 68 2.09 10.61 15.16
C ALA B 68 3.55 10.37 14.84
N HIS B 69 4.35 11.42 14.82
CA HIS B 69 5.77 11.24 14.53
C HIS B 69 6.64 12.24 15.28
N ARG B 70 7.74 11.75 15.81
CA ARG B 70 8.58 12.55 16.66
C ARG B 70 9.26 13.62 15.85
N GLU B 71 9.20 14.85 16.34
CA GLU B 71 9.96 15.95 15.77
C GLU B 71 11.43 15.59 15.83
N ASN B 72 11.89 15.18 17.01
CA ASN B 72 13.26 14.74 17.19
C ASN B 72 13.38 13.20 17.27
N PRO B 73 13.55 12.54 16.12
CA PRO B 73 13.61 11.07 16.03
C PRO B 73 14.77 10.54 16.85
N GLN B 74 14.49 9.61 17.76
CA GLN B 74 15.53 9.01 18.60
C GLN B 74 16.39 8.01 17.81
N CYS B 75 15.78 7.28 16.89
CA CYS B 75 16.52 6.31 16.08
C CYS B 75 17.11 7.00 14.86
N LYS B 76 18.42 6.82 14.66
CA LYS B 76 19.16 7.53 13.63
C LYS B 76 19.42 6.74 12.34
N GLY B 77 19.08 5.45 12.33
CA GLY B 77 19.36 4.62 11.16
C GLY B 77 18.28 4.73 10.10
N ASP B 78 18.56 4.18 8.93
CA ASP B 78 17.58 4.11 7.85
C ASP B 78 16.56 3.01 8.15
N PHE B 79 15.29 3.26 7.82
CA PHE B 79 14.25 2.25 7.94
C PHE B 79 14.66 0.97 7.22
N ALA B 80 14.50 -0.17 7.90
CA ALA B 80 14.93 -1.45 7.36
C ALA B 80 13.76 -2.42 7.16
N GLY B 81 12.54 -1.89 7.13
CA GLY B 81 11.35 -2.65 6.83
C GLY B 81 10.55 -3.20 7.99
N ASP B 82 11.13 -3.17 9.20
CA ASP B 82 10.48 -3.81 10.34
C ASP B 82 9.28 -2.98 10.85
N LYS B 83 8.13 -3.63 10.99
CA LYS B 83 6.94 -2.92 11.49
C LYS B 83 6.03 -3.88 12.25
N PHE B 84 5.25 -3.30 13.15
CA PHE B 84 4.23 -4.04 13.89
C PHE B 84 2.85 -3.50 13.58
N HIS B 85 1.87 -4.39 13.65
CA HIS B 85 0.48 -3.99 13.70
C HIS B 85 -0.10 -4.37 15.04
N ILE B 86 -1.14 -3.64 15.46
CA ILE B 86 -1.92 -3.98 16.64
C ILE B 86 -3.37 -4.16 16.20
N SER B 87 -3.96 -5.30 16.54
CA SER B 87 -5.31 -5.66 16.12
C SER B 87 -6.23 -5.78 17.33
N VAL B 88 -7.24 -4.92 17.36
CA VAL B 88 -8.31 -5.03 18.33
C VAL B 88 -9.67 -5.18 17.62
N GLN B 89 -10.72 -5.48 18.37
CA GLN B 89 -12.05 -5.55 17.80
CA GLN B 89 -12.05 -5.55 17.79
C GLN B 89 -12.36 -4.22 17.12
N ARG B 90 -12.91 -4.28 15.91
CA ARG B 90 -13.19 -3.09 15.10
C ARG B 90 -13.89 -1.96 15.86
N GLU B 91 -14.89 -2.29 16.66
CA GLU B 91 -15.67 -1.26 17.35
C GLU B 91 -14.97 -0.73 18.60
N GLN B 92 -13.80 -1.30 18.91
CA GLN B 92 -13.10 -0.93 20.14
C GLN B 92 -11.83 -0.10 19.90
N VAL B 93 -11.64 0.43 18.70
CA VAL B 93 -10.42 1.19 18.44
C VAL B 93 -10.23 2.44 19.33
N PRO B 94 -11.29 3.24 19.54
CA PRO B 94 -11.07 4.40 20.42
C PRO B 94 -10.68 3.99 21.85
N GLN B 95 -11.28 2.93 22.38
CA GLN B 95 -10.93 2.41 23.71
C GLN B 95 -9.49 1.89 23.74
N ALA B 96 -9.09 1.20 22.68
CA ALA B 96 -7.71 0.71 22.61
C ALA B 96 -6.73 1.89 22.58
N PHE B 97 -7.05 2.91 21.79
CA PHE B 97 -6.21 4.09 21.71
C PHE B 97 -6.04 4.72 23.10
N GLN B 98 -7.13 4.88 23.84
CA GLN B 98 -7.08 5.39 25.19
C GLN B 98 -6.12 4.57 26.07
N ALA B 99 -6.24 3.24 26.00
CA ALA B 99 -5.39 2.36 26.80
C ALA B 99 -3.91 2.48 26.42
N LEU B 100 -3.62 2.67 25.14
CA LEU B 100 -2.25 2.68 24.67
C LEU B 100 -1.60 4.06 24.65
N SER B 101 -2.40 5.11 24.78
CA SER B 101 -1.86 6.45 24.54
C SER B 101 -0.72 6.84 25.48
N GLY B 102 -0.78 6.39 26.72
CA GLY B 102 0.30 6.65 27.66
C GLY B 102 1.63 6.11 27.17
N LEU B 103 1.59 4.95 26.51
CA LEU B 103 2.79 4.30 26.00
C LEU B 103 3.20 4.86 24.64
N LEU B 104 2.24 5.02 23.73
CA LEU B 104 2.54 5.44 22.37
C LEU B 104 3.05 6.89 22.32
N PHE B 105 2.65 7.70 23.31
CA PHE B 105 3.17 9.06 23.39
C PHE B 105 4.29 9.22 24.44
N SER B 106 4.81 8.11 24.96
CA SER B 106 5.83 8.20 26.00
C SER B 106 7.09 8.84 25.46
N VAL B 107 7.67 9.76 26.23
CA VAL B 107 8.98 10.30 25.86
C VAL B 107 10.05 9.19 25.78
N ASP B 108 9.76 8.03 26.37
CA ASP B 108 10.71 6.92 26.43
C ASP B 108 10.38 5.82 25.40
N SER B 109 9.31 6.02 24.64
CA SER B 109 8.95 5.03 23.63
C SER B 109 10.05 4.87 22.59
N PRO B 110 10.35 3.61 22.20
CA PRO B 110 11.34 3.38 21.15
C PRO B 110 10.76 3.56 19.75
N ILE B 111 9.45 3.83 19.65
CA ILE B 111 8.80 3.98 18.35
C ILE B 111 8.64 5.46 18.00
N ASP B 112 9.45 5.92 17.05
CA ASP B 112 9.43 7.31 16.62
C ASP B 112 8.22 7.69 15.77
N LYS B 113 7.66 6.71 15.05
CA LYS B 113 6.59 6.98 14.10
C LYS B 113 5.55 5.88 14.12
N TRP B 114 4.28 6.26 14.23
CA TRP B 114 3.19 5.29 14.18
C TRP B 114 1.93 5.95 13.65
N LYS B 115 0.93 5.15 13.37
CA LYS B 115 -0.33 5.70 12.91
C LYS B 115 -1.47 4.81 13.31
N VAL B 116 -2.67 5.37 13.34
CA VAL B 116 -3.87 4.64 13.67
C VAL B 116 -4.91 4.89 12.57
N THR B 117 -5.66 3.86 12.23
CA THR B 117 -6.76 3.99 11.26
C THR B 117 -7.84 4.94 11.77
N ASP B 118 -8.33 5.80 10.87
CA ASP B 118 -9.50 6.63 11.15
C ASP B 118 -10.72 5.79 10.81
N MET B 119 -11.42 5.35 11.86
CA MET B 119 -12.51 4.38 11.70
C MET B 119 -13.76 5.00 11.04
N GLU B 120 -13.79 6.33 10.95
CA GLU B 120 -14.89 7.03 10.28
C GLU B 120 -14.73 7.07 8.78
N ARG B 121 -13.51 6.86 8.29
CA ARG B 121 -13.23 6.95 6.86
C ARG B 121 -12.86 5.62 6.20
N VAL B 122 -12.22 4.74 6.95
CA VAL B 122 -11.72 3.50 6.38
C VAL B 122 -12.86 2.65 5.81
N ASP B 123 -12.54 1.87 4.77
CA ASP B 123 -13.36 0.75 4.35
C ASP B 123 -13.51 -0.20 5.56
N GLN B 124 -14.74 -0.40 6.04
CA GLN B 124 -14.97 -1.17 7.28
C GLN B 124 -14.59 -2.65 7.20
N GLN B 125 -14.39 -3.16 5.98
CA GLN B 125 -13.96 -4.55 5.80
C GLN B 125 -12.48 -4.66 5.48
N SER B 126 -11.79 -3.52 5.48
CA SER B 126 -10.35 -3.50 5.18
C SER B 126 -9.54 -4.29 6.21
N ARG B 127 -8.40 -4.82 5.74
CA ARG B 127 -7.44 -5.47 6.64
C ARG B 127 -6.90 -4.53 7.73
N VAL B 128 -7.05 -3.21 7.56
CA VAL B 128 -6.64 -2.28 8.61
C VAL B 128 -7.84 -1.69 9.38
N ALA B 129 -9.01 -2.26 9.15
CA ALA B 129 -10.21 -1.91 9.88
C ALA B 129 -10.65 -3.02 10.84
N VAL B 130 -10.66 -4.27 10.36
CA VAL B 130 -11.06 -5.43 11.16
C VAL B 130 -9.93 -5.87 12.10
N GLY B 131 -8.72 -5.39 11.81
CA GLY B 131 -7.57 -5.57 12.68
C GLY B 131 -6.51 -4.60 12.19
N ALA B 132 -5.30 -4.75 12.70
CA ALA B 132 -4.16 -3.93 12.25
C ALA B 132 -4.52 -2.45 12.19
N GLN B 133 -5.23 -1.97 13.22
CA GLN B 133 -5.67 -0.59 13.24
C GLN B 133 -4.57 0.38 13.72
N PHE B 134 -3.50 -0.17 14.29
CA PHE B 134 -2.33 0.62 14.62
C PHE B 134 -1.16 0.04 13.84
N THR B 135 -0.34 0.90 13.26
CA THR B 135 0.88 0.49 12.60
C THR B 135 2.06 1.22 13.27
N LEU B 136 3.05 0.45 13.71
CA LEU B 136 4.21 0.99 14.42
C LEU B 136 5.43 0.72 13.57
N TYR B 137 6.17 1.78 13.23
CA TYR B 137 7.37 1.61 12.41
C TYR B 137 8.58 1.51 13.31
N VAL B 138 9.47 0.58 12.99
CA VAL B 138 10.71 0.39 13.73
C VAL B 138 11.87 0.81 12.85
N LYS B 139 12.84 1.50 13.43
CA LYS B 139 14.05 1.89 12.73
C LYS B 139 15.25 1.45 13.56
N PRO B 140 16.34 1.00 12.92
CA PRO B 140 17.60 0.78 13.65
C PRO B 140 18.06 2.09 14.30
N ASP B 141 18.60 2.01 15.51
CA ASP B 141 18.95 3.19 16.29
C ASP B 141 20.26 3.86 15.89
N GLN B 142 21.24 3.07 15.46
CA GLN B 142 22.57 3.59 15.19
C GLN B 142 22.64 4.28 13.83
N GLU B 143 23.52 5.29 13.75
CA GLU B 143 23.72 6.04 12.52
C GLU B 143 24.15 5.15 11.36
N ASN B 144 24.77 4.00 11.67
CA ASN B 144 25.16 3.05 10.63
C ASN B 144 24.06 2.04 10.27
N SER B 145 22.84 2.31 10.72
CA SER B 145 21.67 1.49 10.40
C SER B 145 21.73 0.07 10.98
N GLN B 146 22.52 -0.13 12.03
CA GLN B 146 22.51 -1.38 12.76
C GLN B 146 21.66 -1.22 14.02
N TYR B 147 20.97 -2.29 14.42
CA TYR B 147 20.28 -2.32 15.70
C TYR B 147 21.24 -2.62 16.83
N SER B 148 21.21 -1.80 17.87
CA SER B 148 21.96 -2.14 19.08
C SER B 148 21.15 -3.13 19.93
N ALA B 149 21.84 -3.92 20.76
CA ALA B 149 21.15 -4.78 21.70
C ALA B 149 20.19 -4.00 22.60
N SER B 150 20.62 -2.81 23.05
CA SER B 150 19.77 -2.00 23.92
CA SER B 150 19.78 -2.01 23.93
C SER B 150 18.47 -1.61 23.23
N SER B 151 18.56 -1.21 21.97
CA SER B 151 17.35 -0.78 21.25
C SER B 151 16.43 -1.97 20.98
N LEU B 152 17.00 -3.10 20.61
CA LEU B 152 16.22 -4.32 20.44
C LEU B 152 15.51 -4.68 21.74
N HIS B 153 16.22 -4.64 22.86
CA HIS B 153 15.62 -4.96 24.14
C HIS B 153 14.49 -3.99 24.46
N ASN B 154 14.74 -2.71 24.30
CA ASN B 154 13.71 -1.72 24.59
C ASN B 154 12.47 -1.92 23.73
N THR B 155 12.67 -2.28 22.47
CA THR B 155 11.56 -2.48 21.56
C THR B 155 10.75 -3.71 21.97
N ARG B 156 11.42 -4.80 22.32
CA ARG B 156 10.73 -5.99 22.78
C ARG B 156 9.96 -5.70 24.08
N GLN B 157 10.65 -5.06 25.02
CA GLN B 157 10.00 -4.68 26.27
C GLN B 157 8.76 -3.81 26.02
N PHE B 158 8.84 -2.90 25.05
CA PHE B 158 7.73 -1.99 24.76
C PHE B 158 6.54 -2.78 24.19
N ILE B 159 6.81 -3.66 23.24
CA ILE B 159 5.77 -4.52 22.69
C ILE B 159 5.06 -5.33 23.79
N GLU B 160 5.84 -5.89 24.72
CA GLU B 160 5.28 -6.67 25.82
C GLU B 160 4.43 -5.80 26.75
N CYS B 161 4.82 -4.54 26.90
CA CYS B 161 4.02 -3.57 27.65
CA CYS B 161 4.04 -3.57 27.65
C CYS B 161 2.70 -3.28 26.95
N LEU B 162 2.75 -3.06 25.63
CA LEU B 162 1.50 -2.83 24.89
C LEU B 162 0.55 -4.02 25.06
N GLU B 163 1.08 -5.24 24.94
CA GLU B 163 0.27 -6.44 25.12
C GLU B 163 -0.39 -6.46 26.50
N SER B 164 0.40 -6.21 27.52
CA SER B 164 -0.09 -6.22 28.90
C SER B 164 -1.18 -5.17 29.11
N ARG B 165 -0.95 -3.97 28.60
CA ARG B 165 -1.89 -2.88 28.74
C ARG B 165 -3.23 -3.20 28.08
N LEU B 166 -3.19 -3.76 26.88
CA LEU B 166 -4.43 -4.10 26.20
C LEU B 166 -5.20 -5.20 26.94
N SER B 167 -4.49 -6.19 27.45
CA SER B 167 -5.15 -7.27 28.18
CA SER B 167 -5.14 -7.27 28.19
C SER B 167 -5.81 -6.76 29.47
N GLU B 168 -5.08 -5.95 30.22
CA GLU B 168 -5.57 -5.40 31.50
C GLU B 168 -6.80 -4.54 31.29
N SER B 169 -6.83 -3.83 30.16
CA SER B 169 -7.94 -2.95 29.85
C SER B 169 -9.14 -3.69 29.25
N GLY B 170 -8.98 -5.00 29.09
CA GLY B 170 -10.08 -5.85 28.62
C GLY B 170 -10.42 -5.69 27.15
N LEU B 171 -9.47 -5.22 26.34
CA LEU B 171 -9.71 -5.12 24.89
C LEU B 171 -9.79 -6.52 24.30
N MET B 172 -10.72 -6.72 23.37
CA MET B 172 -10.82 -7.98 22.66
C MET B 172 -9.91 -7.92 21.45
N PRO B 173 -9.19 -9.02 21.16
CA PRO B 173 -8.35 -8.99 19.95
C PRO B 173 -9.17 -8.87 18.66
N GLY B 174 -8.56 -8.30 17.62
CA GLY B 174 -9.22 -8.19 16.34
C GLY B 174 -8.75 -9.28 15.39
N GLN B 175 -8.97 -9.09 14.10
CA GLN B 175 -8.57 -10.07 13.12
C GLN B 175 -7.16 -9.75 12.63
N TYR B 176 -6.20 -10.62 12.97
CA TYR B 176 -4.82 -10.40 12.55
C TYR B 176 -4.77 -10.40 11.03
N PRO B 177 -3.97 -9.51 10.45
CA PRO B 177 -3.83 -9.52 8.99
C PRO B 177 -3.11 -10.79 8.52
N GLU B 178 -3.60 -11.36 7.43
CA GLU B 178 -2.98 -12.54 6.84
C GLU B 178 -1.53 -12.30 6.48
N SER B 179 -1.16 -11.05 6.21
CA SER B 179 0.20 -10.73 5.82
C SER B 179 1.23 -10.99 6.90
N ASP B 180 0.81 -10.96 8.17
CA ASP B 180 1.75 -10.90 9.28
C ASP B 180 1.95 -12.24 9.97
N VAL B 181 2.91 -12.29 10.90
CA VAL B 181 3.04 -13.43 11.81
C VAL B 181 3.05 -12.97 13.25
N HIS B 182 2.75 -13.88 14.16
CA HIS B 182 2.83 -13.57 15.59
C HIS B 182 2.98 -14.86 16.36
N PRO B 183 3.63 -14.80 17.52
CA PRO B 183 3.77 -15.99 18.37
C PRO B 183 2.52 -16.20 19.22
N GLU B 184 2.36 -17.38 19.81
CA GLU B 184 1.14 -17.70 20.57
C GLU B 184 0.87 -16.69 21.69
N ASN B 185 1.93 -16.15 22.26
CA ASN B 185 1.81 -15.27 23.42
C ASN B 185 1.57 -13.78 23.11
N TRP B 186 1.56 -13.41 21.83
CA TRP B 186 1.04 -12.09 21.46
C TRP B 186 -0.41 -12.24 21.01
N LYS B 187 -1.32 -11.56 21.72
CA LYS B 187 -2.74 -11.64 21.45
CA LYS B 187 -2.74 -11.66 21.42
C LYS B 187 -3.23 -10.50 20.56
N TYR B 188 -2.43 -9.43 20.48
CA TYR B 188 -2.82 -8.24 19.69
C TYR B 188 -1.79 -7.82 18.64
N VAL B 189 -0.51 -7.96 18.96
CA VAL B 189 0.56 -7.50 18.11
C VAL B 189 0.93 -8.56 17.06
N SER B 190 1.21 -8.10 15.85
CA SER B 190 1.76 -8.96 14.82
C SER B 190 2.83 -8.19 14.05
N TYR B 191 3.58 -8.92 13.21
CA TYR B 191 4.79 -8.40 12.58
C TYR B 191 4.89 -8.71 11.08
N ARG B 192 5.42 -7.77 10.31
CA ARG B 192 6.03 -8.15 9.03
C ARG B 192 7.22 -7.25 8.68
N ASN B 193 8.01 -7.68 7.70
CA ASN B 193 9.07 -6.85 7.17
C ASN B 193 8.73 -6.38 5.76
N GLU B 194 8.73 -5.07 5.55
CA GLU B 194 8.31 -4.49 4.28
C GLU B 194 9.19 -4.82 3.10
N LEU B 195 10.47 -5.06 3.36
CA LEU B 195 11.44 -5.29 2.30
C LEU B 195 11.29 -6.69 1.74
N ARG B 196 10.80 -7.61 2.55
CA ARG B 196 10.85 -9.02 2.24
C ARG B 196 9.52 -9.77 2.36
N SER B 197 8.44 -9.01 2.39
CA SER B 197 7.11 -9.60 2.37
C SER B 197 6.18 -8.55 1.77
N GLY B 198 4.97 -8.97 1.42
CA GLY B 198 3.95 -8.06 0.89
C GLY B 198 2.76 -7.88 1.82
N ARG B 199 2.12 -6.71 1.79
CA ARG B 199 0.92 -6.53 2.60
C ARG B 199 -0.23 -7.39 2.09
N ASP B 200 -0.14 -7.85 0.84
CA ASP B 200 -1.18 -8.71 0.26
C ASP B 200 -0.75 -10.17 0.26
N GLY B 201 0.37 -10.46 0.92
CA GLY B 201 0.79 -11.84 1.06
C GLY B 201 -0.01 -12.54 2.16
N GLY B 202 0.28 -13.81 2.36
CA GLY B 202 -0.45 -14.61 3.32
C GLY B 202 0.37 -15.80 3.78
N GLU B 203 -0.28 -16.97 3.79
CA GLU B 203 0.38 -18.13 4.36
C GLU B 203 1.68 -18.46 3.65
N MET B 204 1.79 -18.12 2.37
CA MET B 204 2.99 -18.43 1.60
C MET B 204 4.26 -17.68 2.07
N GLN B 205 4.11 -16.59 2.82
CA GLN B 205 5.27 -15.85 3.30
C GLN B 205 5.45 -16.00 4.80
N SER B 206 4.59 -16.80 5.44
CA SER B 206 4.63 -16.91 6.90
CA SER B 206 4.61 -16.95 6.89
C SER B 206 5.92 -17.52 7.43
N GLN B 207 6.41 -18.58 6.79
CA GLN B 207 7.62 -19.20 7.32
C GLN B 207 8.79 -18.26 7.17
N ALA B 208 8.88 -17.58 6.04
CA ALA B 208 9.95 -16.63 5.81
C ALA B 208 9.92 -15.51 6.86
N LEU B 209 8.74 -15.00 7.15
CA LEU B 209 8.59 -13.95 8.18
C LEU B 209 8.98 -14.46 9.57
N ARG B 210 8.58 -15.69 9.88
CA ARG B 210 8.94 -16.27 11.18
C ARG B 210 10.45 -16.48 11.33
N GLU B 211 11.15 -16.54 10.20
CA GLU B 211 12.61 -16.68 10.19
C GLU B 211 13.37 -15.35 10.18
N GLU B 212 12.65 -14.23 10.10
CA GLU B 212 13.31 -12.93 10.15
C GLU B 212 14.06 -12.78 11.47
N PRO B 213 15.37 -12.50 11.41
CA PRO B 213 16.12 -12.32 12.65
C PRO B 213 15.47 -11.29 13.58
N PHE B 214 15.01 -10.16 13.05
CA PHE B 214 14.38 -9.18 13.93
C PHE B 214 13.17 -9.78 14.65
N TYR B 215 12.32 -10.49 13.93
CA TYR B 215 11.15 -11.10 14.54
C TYR B 215 11.56 -12.09 15.62
N ARG B 216 12.56 -12.91 15.33
CA ARG B 216 13.00 -13.91 16.33
C ARG B 216 13.54 -13.24 17.58
N LEU B 217 14.23 -12.12 17.41
CA LEU B 217 14.75 -11.37 18.56
C LEU B 217 13.62 -10.77 19.40
N MET B 218 12.48 -10.48 18.77
CA MET B 218 11.32 -9.94 19.46
C MET B 218 10.48 -11.02 20.12
N ALA B 219 10.43 -12.20 19.51
CA ALA B 219 9.40 -13.22 19.86
C ALA B 219 9.93 -14.49 20.53
N GLU B 220 11.19 -14.85 20.27
CA GLU B 220 11.71 -16.16 20.65
C GLU B 220 12.35 -16.15 22.03
#